data_4XMF
#
_entry.id   4XMF
#
_cell.length_a   38.338
_cell.length_b   66.722
_cell.length_c   38.825
_cell.angle_alpha   90.00
_cell.angle_beta   116.87
_cell.angle_gamma   90.00
#
_symmetry.space_group_name_H-M   'P 1 21 1'
#
loop_
_entity.id
_entity.type
_entity.pdbx_description
1 polymer Nitrophorin-7
2 non-polymer 'PROTOPORPHYRIN IX CONTAINING FE'
3 non-polymer HISTAMINE
4 water water
#
_entity_poly.entity_id   1
_entity_poly.type   'polypeptide(L)'
_entity_poly.pdbx_seq_one_letter_code
;PGECSVNVIPKKNLDKAKFFSGTWYETHYLDMDPQATEKFCFSFAPRESGGTVKEALYHFNVDSKVSFYNTGTGPLESNG
AKYTAKFNTVDKKGKEIKPADEKYSYTVTVIEAAKQSALIHICLQEDGKDIGDLYSVLNRNKNALPNKKIKKALNKVSLV
LTKFVVTKDLDCKYDDKFLSSWQK
;
_entity_poly.pdbx_strand_id   A
#
loop_
_chem_comp.id
_chem_comp.type
_chem_comp.name
_chem_comp.formula
HEM non-polymer 'PROTOPORPHYRIN IX CONTAINING FE' 'C34 H32 Fe N4 O4'
HSM non-polymer HISTAMINE 'C5 H9 N3'
#
# COMPACT_ATOMS: atom_id res chain seq x y z
N PRO A 1 5.71 16.32 14.55
CA PRO A 1 4.47 15.91 13.89
C PRO A 1 4.62 14.62 13.09
N GLY A 2 3.48 14.02 12.74
CA GLY A 2 3.46 12.92 11.80
C GLY A 2 3.21 13.50 10.41
N GLU A 3 3.99 14.51 10.06
CA GLU A 3 3.85 15.20 8.77
C GLU A 3 4.21 14.29 7.60
N CYS A 4 3.34 14.22 6.61
CA CYS A 4 3.61 13.36 5.45
C CYS A 4 4.64 14.00 4.51
N SER A 5 5.39 13.14 3.82
CA SER A 5 6.46 13.58 2.95
C SER A 5 6.01 14.53 1.84
N VAL A 6 6.88 15.49 1.53
CA VAL A 6 6.67 16.33 0.36
C VAL A 6 7.32 15.62 -0.84
N ASN A 7 7.06 16.13 -2.03
CA ASN A 7 7.73 15.63 -3.25
C ASN A 7 7.35 14.20 -3.57
N VAL A 8 6.12 13.84 -3.22
CA VAL A 8 5.55 12.56 -3.62
C VAL A 8 4.78 12.79 -4.92
N ILE A 9 5.39 12.36 -6.03
CA ILE A 9 4.86 12.67 -7.35
C ILE A 9 4.15 11.47 -7.97
N PRO A 10 2.86 11.60 -8.31
CA PRO A 10 2.15 10.52 -8.98
C PRO A 10 2.75 10.22 -10.35
N LYS A 11 2.89 8.95 -10.68
CA LYS A 11 3.32 8.55 -12.01
C LYS A 11 2.46 9.20 -13.07
N LYS A 12 3.08 9.67 -14.14
CA LYS A 12 2.33 10.16 -15.28
C LYS A 12 1.80 8.98 -16.09
N ASN A 13 0.52 9.00 -16.43
CA ASN A 13 -0.08 7.97 -17.27
C ASN A 13 0.13 6.54 -16.77
N LEU A 14 -0.21 6.30 -15.52
CA LEU A 14 -0.21 4.93 -15.01
C LEU A 14 -1.24 4.13 -15.81
N ASP A 15 -0.89 2.90 -16.17
CA ASP A 15 -1.86 2.00 -16.77
C ASP A 15 -2.76 1.50 -15.65
N LYS A 16 -3.99 2.02 -15.58
CA LYS A 16 -4.91 1.68 -14.51
C LYS A 16 -5.30 0.20 -14.51
N ALA A 17 -5.68 -0.32 -15.67
CA ALA A 17 -6.11 -1.71 -15.74
C ALA A 17 -5.02 -2.68 -15.29
N LYS A 18 -3.77 -2.36 -15.57
CA LYS A 18 -2.69 -3.22 -15.11
C LYS A 18 -2.40 -3.05 -13.61
N PHE A 19 -2.31 -1.81 -13.15
CA PHE A 19 -2.00 -1.61 -11.73
C PHE A 19 -3.14 -2.08 -10.82
N PHE A 20 -4.37 -1.70 -11.19
CA PHE A 20 -5.54 -2.05 -10.39
C PHE A 20 -6.05 -3.43 -10.79
N SER A 21 -5.20 -4.42 -10.60
CA SER A 21 -5.56 -5.81 -10.86
C SER A 21 -4.65 -6.70 -10.03
N GLY A 22 -5.08 -7.95 -9.86
CA GLY A 22 -4.29 -8.96 -9.18
C GLY A 22 -3.93 -8.62 -7.75
N THR A 23 -2.87 -9.25 -7.28
CA THR A 23 -2.39 -9.08 -5.92
C THR A 23 -0.99 -8.47 -5.95
N TRP A 24 -0.77 -7.49 -5.09
CA TRP A 24 0.54 -6.87 -4.93
C TRP A 24 1.12 -7.25 -3.57
N TYR A 25 2.40 -7.63 -3.54
CA TYR A 25 3.08 -7.88 -2.28
C TYR A 25 4.09 -6.79 -2.00
N GLU A 26 4.08 -6.29 -0.77
CA GLU A 26 5.14 -5.38 -0.35
C GLU A 26 6.38 -6.23 -0.17
N THR A 27 7.49 -5.77 -0.74
CA THR A 27 8.77 -6.46 -0.59
C THR A 27 9.74 -5.65 0.27
N HIS A 28 9.58 -4.33 0.26
CA HIS A 28 10.41 -3.42 1.03
C HIS A 28 9.51 -2.32 1.52
N TYR A 29 9.73 -1.83 2.74
CA TYR A 29 8.97 -0.67 3.16
C TYR A 29 9.79 0.25 4.06
N LEU A 30 9.43 1.53 4.00
CA LEU A 30 10.10 2.53 4.81
C LEU A 30 9.05 3.33 5.53
N ASP A 31 8.86 3.03 6.81
CA ASP A 31 7.99 3.81 7.65
C ASP A 31 8.77 5.05 8.06
N MET A 32 8.20 6.23 7.81
CA MET A 32 8.93 7.46 8.06
C MET A 32 9.02 7.82 9.54
N ASP A 33 8.34 7.05 10.39
CA ASP A 33 8.58 7.14 11.82
C ASP A 33 9.70 6.17 12.14
N PRO A 34 10.88 6.69 12.53
CA PRO A 34 12.02 5.79 12.79
C PRO A 34 11.78 4.84 13.96
N GLN A 35 10.81 5.14 14.82
CA GLN A 35 10.53 4.31 15.99
C GLN A 35 9.47 3.25 15.74
N ALA A 36 8.94 3.22 14.53
CA ALA A 36 7.96 2.21 14.15
C ALA A 36 8.69 0.99 13.64
N THR A 37 9.14 0.15 14.56
CA THR A 37 10.07 -0.91 14.22
C THR A 37 9.46 -2.30 14.34
N GLU A 38 8.15 -2.36 14.63
CA GLU A 38 7.40 -3.61 14.49
C GLU A 38 7.55 -4.14 13.07
N LYS A 39 7.85 -5.43 12.92
CA LYS A 39 7.94 -6.04 11.60
C LYS A 39 6.57 -6.43 11.08
N PHE A 40 6.27 -6.05 9.84
CA PHE A 40 4.98 -6.34 9.22
C PHE A 40 5.14 -6.88 7.80
N CYS A 41 4.18 -7.70 7.39
CA CYS A 41 4.06 -8.11 6.00
C CYS A 41 2.75 -7.53 5.47
N PHE A 42 2.75 -7.14 4.21
CA PHE A 42 1.58 -6.48 3.65
C PHE A 42 1.33 -6.96 2.22
N SER A 43 0.05 -7.16 1.90
CA SER A 43 -0.34 -7.44 0.53
C SER A 43 -1.71 -6.82 0.30
N PHE A 44 -2.02 -6.47 -0.95
CA PHE A 44 -3.34 -5.93 -1.23
C PHE A 44 -3.81 -6.21 -2.64
N ALA A 45 -5.10 -5.99 -2.88
CA ALA A 45 -5.72 -6.22 -4.19
C ALA A 45 -6.55 -4.99 -4.54
N PRO A 46 -5.94 -4.05 -5.27
CA PRO A 46 -6.62 -2.78 -5.59
C PRO A 46 -7.39 -2.90 -6.89
N ARG A 47 -8.63 -2.41 -6.90
CA ARG A 47 -9.43 -2.40 -8.12
C ARG A 47 -9.98 -1.00 -8.39
N GLU A 48 -10.27 -0.69 -9.65
CA GLU A 48 -10.81 0.61 -9.99
C GLU A 48 -11.93 0.48 -11.02
N SER A 49 -12.95 1.31 -10.87
CA SER A 49 -14.06 1.36 -11.81
C SER A 49 -14.81 2.67 -11.64
N GLY A 50 -14.99 3.40 -12.75
CA GLY A 50 -15.75 4.63 -12.74
C GLY A 50 -15.14 5.71 -11.85
N GLY A 51 -13.82 5.66 -11.69
CA GLY A 51 -13.12 6.67 -10.92
C GLY A 51 -13.12 6.41 -9.43
N THR A 52 -13.59 5.23 -9.04
CA THR A 52 -13.58 4.83 -7.63
C THR A 52 -12.71 3.61 -7.43
N VAL A 53 -11.81 3.69 -6.44
CA VAL A 53 -10.96 2.57 -6.06
C VAL A 53 -11.63 1.78 -4.95
N LYS A 54 -11.60 0.45 -5.07
CA LYS A 54 -12.03 -0.43 -4.01
C LYS A 54 -10.96 -1.49 -3.85
N GLU A 55 -10.30 -1.50 -2.69
CA GLU A 55 -9.18 -2.41 -2.49
C GLU A 55 -9.36 -3.25 -1.24
N ALA A 56 -8.82 -4.46 -1.29
CA ALA A 56 -8.78 -5.30 -0.10
C ALA A 56 -7.35 -5.29 0.41
N LEU A 57 -7.19 -5.10 1.72
CA LEU A 57 -5.88 -4.99 2.36
C LEU A 57 -5.64 -6.13 3.32
N TYR A 58 -4.40 -6.61 3.38
CA TYR A 58 -4.01 -7.65 4.29
C TYR A 58 -2.71 -7.26 4.99
N HIS A 59 -2.71 -7.26 6.32
CA HIS A 59 -1.49 -7.05 7.09
C HIS A 59 -1.22 -8.23 7.99
N PHE A 60 0.05 -8.54 8.18
CA PHE A 60 0.45 -9.55 9.16
C PHE A 60 1.50 -8.96 10.09
N ASN A 61 1.19 -8.96 11.38
CA ASN A 61 2.13 -8.53 12.40
C ASN A 61 3.05 -9.68 12.75
N VAL A 62 4.30 -9.59 12.33
CA VAL A 62 5.27 -10.64 12.61
C VAL A 62 5.57 -10.72 14.11
N ASP A 63 5.68 -9.57 14.77
CA ASP A 63 5.98 -9.51 16.20
C ASP A 63 4.90 -10.23 17.02
N SER A 64 3.64 -10.07 16.64
CA SER A 64 2.53 -10.61 17.42
C SER A 64 1.82 -11.82 16.78
N LYS A 65 2.18 -12.14 15.55
CA LYS A 65 1.55 -13.26 14.82
C LYS A 65 0.05 -13.07 14.59
N VAL A 66 -0.40 -11.81 14.55
CA VAL A 66 -1.79 -11.48 14.31
C VAL A 66 -1.97 -10.88 12.92
N SER A 67 -3.01 -11.31 12.21
CA SER A 67 -3.31 -10.73 10.91
C SER A 67 -4.54 -9.84 11.01
N PHE A 68 -4.61 -8.83 10.16
CA PHE A 68 -5.84 -8.08 10.05
C PHE A 68 -6.22 -7.73 8.61
N TYR A 69 -7.53 -7.61 8.39
CA TYR A 69 -8.09 -7.45 7.06
C TYR A 69 -8.88 -6.16 7.00
N ASN A 70 -8.68 -5.37 5.96
CA ASN A 70 -9.42 -4.15 5.79
C ASN A 70 -9.87 -4.03 4.35
N THR A 71 -10.86 -3.19 4.09
CA THR A 71 -11.13 -2.79 2.72
C THR A 71 -11.15 -1.29 2.69
N GLY A 72 -10.73 -0.71 1.57
CA GLY A 72 -10.70 0.74 1.45
C GLY A 72 -11.39 1.18 0.18
N THR A 73 -12.07 2.32 0.24
CA THR A 73 -12.81 2.84 -0.90
C THR A 73 -12.68 4.34 -1.00
N GLY A 74 -12.39 4.83 -2.20
CA GLY A 74 -12.37 6.26 -2.43
C GLY A 74 -12.12 6.64 -3.86
N PRO A 75 -12.26 7.93 -4.15
CA PRO A 75 -12.11 8.44 -5.52
C PRO A 75 -10.68 8.49 -5.99
N LEU A 76 -10.49 8.13 -7.26
CA LEU A 76 -9.21 8.25 -7.93
C LEU A 76 -9.09 9.66 -8.48
N GLU A 77 -7.94 10.29 -8.26
CA GLU A 77 -7.72 11.65 -8.74
C GLU A 77 -7.66 11.66 -10.27
N SER A 78 -7.83 12.83 -10.87
CA SER A 78 -7.82 12.96 -12.32
C SER A 78 -6.49 12.53 -12.93
N ASN A 79 -5.42 12.60 -12.15
CA ASN A 79 -4.10 12.17 -12.62
C ASN A 79 -4.01 10.65 -12.79
N GLY A 80 -4.94 9.94 -12.18
CA GLY A 80 -5.06 8.50 -12.37
C GLY A 80 -4.08 7.63 -11.60
N ALA A 81 -3.32 8.24 -10.68
CA ALA A 81 -2.28 7.51 -9.95
C ALA A 81 -2.23 7.91 -8.46
N LYS A 82 -3.36 8.42 -7.96
CA LYS A 82 -3.44 8.83 -6.56
C LYS A 82 -4.88 8.75 -6.11
N TYR A 83 -5.11 8.25 -4.91
CA TYR A 83 -6.46 8.14 -4.39
C TYR A 83 -6.51 8.28 -2.89
N THR A 84 -7.65 8.74 -2.39
CA THR A 84 -7.86 8.92 -0.97
C THR A 84 -9.04 8.04 -0.57
N ALA A 85 -8.80 7.17 0.41
CA ALA A 85 -9.79 6.15 0.76
C ALA A 85 -10.16 6.18 2.24
N LYS A 86 -11.40 5.81 2.51
CA LYS A 86 -11.87 5.49 3.85
C LYS A 86 -11.88 3.98 3.94
N PHE A 87 -11.65 3.43 5.14
CA PHE A 87 -11.47 2.00 5.29
C PHE A 87 -12.26 1.44 6.45
N ASN A 88 -12.72 0.21 6.28
CA ASN A 88 -13.38 -0.52 7.35
C ASN A 88 -12.55 -1.73 7.73
N THR A 89 -13.05 -2.51 8.67
CA THR A 89 -12.37 -3.73 9.10
C THR A 89 -13.26 -4.92 8.77
N VAL A 90 -12.71 -5.93 8.11
CA VAL A 90 -13.48 -7.11 7.76
C VAL A 90 -12.80 -8.35 8.31
N ASP A 91 -13.51 -9.48 8.32
CA ASP A 91 -12.88 -10.74 8.67
C ASP A 91 -12.32 -11.38 7.41
N LYS A 92 -11.83 -12.62 7.55
CA LYS A 92 -11.17 -13.28 6.44
C LYS A 92 -12.15 -13.69 5.34
N LYS A 93 -13.44 -13.71 5.68
CA LYS A 93 -14.48 -14.02 4.71
C LYS A 93 -15.05 -12.76 4.07
N GLY A 94 -14.51 -11.61 4.47
CA GLY A 94 -14.90 -10.35 3.86
C GLY A 94 -16.04 -9.63 4.55
N LYS A 95 -16.58 -10.21 5.62
CA LYS A 95 -17.69 -9.61 6.36
C LYS A 95 -17.16 -8.49 7.24
N GLU A 96 -17.83 -7.34 7.21
CA GLU A 96 -17.45 -6.20 8.02
C GLU A 96 -17.59 -6.53 9.51
N ILE A 97 -16.51 -6.33 10.25
CA ILE A 97 -16.52 -6.57 11.69
C ILE A 97 -16.34 -5.27 12.48
N LYS A 98 -15.91 -4.22 11.79
CA LYS A 98 -15.94 -2.87 12.34
C LYS A 98 -16.13 -1.86 11.22
N PRO A 99 -17.12 -0.96 11.37
CA PRO A 99 -17.39 0.07 10.36
C PRO A 99 -16.23 1.06 10.18
N ALA A 100 -16.16 1.71 9.03
CA ALA A 100 -15.19 2.78 8.81
C ALA A 100 -15.37 3.89 9.84
N ASP A 101 -14.24 4.36 10.39
CA ASP A 101 -14.26 5.51 11.29
C ASP A 101 -14.06 6.75 10.43
N GLU A 102 -15.11 7.57 10.35
CA GLU A 102 -15.15 8.74 9.48
C GLU A 102 -13.92 9.66 9.61
N LYS A 103 -13.34 9.71 10.80
CA LYS A 103 -12.23 10.64 11.02
C LYS A 103 -10.91 10.23 10.37
N TYR A 104 -10.79 8.95 9.99
CA TYR A 104 -9.56 8.44 9.39
C TYR A 104 -9.68 8.31 7.88
N SER A 105 -8.58 8.55 7.19
CA SER A 105 -8.48 8.26 5.77
C SER A 105 -7.02 8.03 5.44
N TYR A 106 -6.75 7.56 4.23
CA TYR A 106 -5.37 7.48 3.78
C TYR A 106 -5.30 7.86 2.32
N THR A 107 -4.14 8.33 1.91
CA THR A 107 -3.94 8.74 0.53
C THR A 107 -2.78 7.97 -0.04
N VAL A 108 -3.07 7.20 -1.10
CA VAL A 108 -2.07 6.40 -1.77
C VAL A 108 -1.64 7.11 -3.02
N THR A 109 -0.34 7.23 -3.22
CA THR A 109 0.20 7.74 -4.47
C THR A 109 0.99 6.64 -5.12
N VAL A 110 0.70 6.35 -6.37
CA VAL A 110 1.52 5.40 -7.13
C VAL A 110 2.63 6.21 -7.81
N ILE A 111 3.83 6.13 -7.26
CA ILE A 111 4.95 6.94 -7.74
C ILE A 111 5.54 6.36 -9.02
N GLU A 112 5.70 5.04 -9.04
CA GLU A 112 6.26 4.40 -10.23
C GLU A 112 5.74 2.98 -10.38
N ALA A 113 5.72 2.50 -11.62
CA ALA A 113 5.39 1.11 -11.90
C ALA A 113 6.18 0.70 -13.13
N ALA A 114 6.75 -0.50 -13.09
CA ALA A 114 7.54 -1.02 -14.18
C ALA A 114 7.57 -2.54 -14.08
N LYS A 115 7.32 -3.21 -15.20
CA LYS A 115 7.31 -4.66 -15.24
C LYS A 115 6.43 -5.22 -14.12
N GLN A 116 7.00 -6.02 -13.23
CA GLN A 116 6.23 -6.63 -12.16
C GLN A 116 6.40 -5.86 -10.84
N SER A 117 6.90 -4.62 -10.92
CA SER A 117 7.30 -3.82 -9.75
C SER A 117 6.48 -2.54 -9.65
N ALA A 118 6.38 -1.99 -8.44
CA ALA A 118 5.75 -0.68 -8.26
C ALA A 118 6.29 -0.04 -7.00
N LEU A 119 6.11 1.27 -6.91
CA LEU A 119 6.48 2.00 -5.71
C LEU A 119 5.32 2.90 -5.35
N ILE A 120 4.80 2.72 -4.14
CA ILE A 120 3.72 3.57 -3.66
C ILE A 120 4.11 4.29 -2.37
N HIS A 121 3.35 5.31 -2.07
CA HIS A 121 3.50 6.06 -0.83
C HIS A 121 2.13 6.19 -0.20
N ILE A 122 2.04 6.10 1.12
CA ILE A 122 0.74 6.21 1.78
C ILE A 122 0.86 7.23 2.89
N CYS A 123 -0.02 8.23 2.85
CA CYS A 123 -0.14 9.22 3.91
C CYS A 123 -1.42 8.94 4.69
N LEU A 124 -1.28 8.67 5.99
CA LEU A 124 -2.43 8.40 6.85
C LEU A 124 -2.87 9.72 7.45
N GLN A 125 -4.18 9.94 7.54
CA GLN A 125 -4.69 11.18 8.11
C GLN A 125 -5.84 10.97 9.09
N GLU A 126 -5.96 11.92 10.02
CA GLU A 126 -7.06 11.96 10.97
C GLU A 126 -7.64 13.37 10.90
N ASP A 127 -8.92 13.47 10.59
CA ASP A 127 -9.56 14.77 10.34
C ASP A 127 -8.81 15.61 9.30
N GLY A 128 -8.31 14.96 8.25
CA GLY A 128 -7.64 15.64 7.16
C GLY A 128 -6.25 16.16 7.47
N LYS A 129 -5.71 15.76 8.62
CA LYS A 129 -4.35 16.16 9.01
C LYS A 129 -3.42 14.94 9.04
N ASP A 130 -2.18 15.15 8.61
CA ASP A 130 -1.19 14.07 8.54
C ASP A 130 -0.91 13.45 9.91
N ILE A 131 -0.94 12.11 9.98
CA ILE A 131 -0.53 11.42 11.19
C ILE A 131 0.57 10.40 10.94
N GLY A 132 1.08 10.35 9.71
CA GLY A 132 2.18 9.47 9.40
C GLY A 132 2.18 8.97 7.98
N ASP A 133 3.35 8.58 7.49
CA ASP A 133 3.46 8.09 6.13
C ASP A 133 4.49 6.96 5.97
N LEU A 134 4.42 6.29 4.83
CA LEU A 134 5.24 5.14 4.55
C LEU A 134 5.40 5.00 3.04
N TYR A 135 6.58 4.56 2.61
CA TYR A 135 6.81 4.16 1.23
C TYR A 135 6.89 2.65 1.18
N SER A 136 6.36 2.07 0.11
CA SER A 136 6.46 0.62 -0.07
C SER A 136 6.83 0.28 -1.50
N VAL A 137 7.80 -0.62 -1.66
CA VAL A 137 8.07 -1.27 -2.93
C VAL A 137 7.16 -2.49 -3.01
N LEU A 138 6.51 -2.64 -4.16
CA LEU A 138 5.58 -3.73 -4.43
C LEU A 138 6.11 -4.61 -5.55
N ASN A 139 5.73 -5.88 -5.52
CA ASN A 139 6.06 -6.79 -6.61
C ASN A 139 4.94 -7.82 -6.72
N ARG A 140 4.76 -8.37 -7.91
CA ARG A 140 3.81 -9.47 -8.08
C ARG A 140 4.31 -10.76 -7.43
N ASN A 141 5.63 -10.84 -7.21
CA ASN A 141 6.27 -12.02 -6.62
C ASN A 141 6.90 -11.64 -5.30
N LYS A 142 6.53 -12.33 -4.23
CA LYS A 142 7.03 -12.03 -2.87
C LYS A 142 8.56 -12.00 -2.80
N ASN A 143 9.20 -12.90 -3.53
CA ASN A 143 10.66 -13.06 -3.42
C ASN A 143 11.48 -12.16 -4.34
N ALA A 144 10.80 -11.37 -5.18
CA ALA A 144 11.50 -10.65 -6.24
C ALA A 144 12.08 -9.29 -5.82
N LEU A 145 13.11 -8.87 -6.52
CA LEU A 145 13.73 -7.57 -6.28
C LEU A 145 13.14 -6.54 -7.23
N PRO A 146 13.17 -5.26 -6.82
CA PRO A 146 12.53 -4.24 -7.66
C PRO A 146 13.26 -3.96 -8.96
N ASN A 147 12.48 -3.64 -9.97
CA ASN A 147 13.00 -3.13 -11.22
C ASN A 147 13.79 -1.85 -10.96
N LYS A 148 14.85 -1.62 -11.74
CA LYS A 148 15.70 -0.45 -11.55
C LYS A 148 14.96 0.90 -11.66
N LYS A 149 13.80 0.89 -12.32
CA LYS A 149 12.99 2.10 -12.45
C LYS A 149 12.50 2.54 -11.08
N ILE A 150 12.27 1.56 -10.20
CA ILE A 150 11.85 1.83 -8.83
C ILE A 150 12.93 2.58 -8.07
N LYS A 151 14.17 2.10 -8.17
CA LYS A 151 15.31 2.76 -7.53
C LYS A 151 15.50 4.18 -8.04
N LYS A 152 15.31 4.37 -9.35
CA LYS A 152 15.44 5.69 -9.94
C LYS A 152 14.45 6.66 -9.30
N ALA A 153 13.22 6.17 -9.10
CA ALA A 153 12.18 6.98 -8.49
C ALA A 153 12.51 7.32 -7.05
N LEU A 154 13.04 6.35 -6.32
CA LEU A 154 13.50 6.58 -4.95
C LEU A 154 14.61 7.61 -4.94
N ASN A 155 15.53 7.50 -5.91
CA ASN A 155 16.68 8.40 -5.98
C ASN A 155 16.30 9.85 -6.31
N LYS A 156 15.19 10.03 -7.02
CA LYS A 156 14.75 11.38 -7.36
C LYS A 156 14.31 12.13 -6.11
N VAL A 157 13.91 11.39 -5.08
CA VAL A 157 13.47 12.00 -3.83
C VAL A 157 14.42 11.71 -2.67
N SER A 158 15.69 11.49 -2.99
CA SER A 158 16.75 11.34 -2.01
C SER A 158 16.51 10.19 -1.02
N LEU A 159 15.89 9.12 -1.51
CA LEU A 159 15.76 7.89 -0.74
C LEU A 159 16.61 6.80 -1.38
N VAL A 160 17.15 5.92 -0.55
CA VAL A 160 17.87 4.75 -1.06
C VAL A 160 17.27 3.47 -0.51
N LEU A 161 17.26 2.44 -1.33
CA LEU A 161 16.57 1.19 -1.03
C LEU A 161 17.13 0.49 0.21
N THR A 162 18.41 0.69 0.49
CA THR A 162 19.04 0.07 1.65
C THR A 162 18.41 0.52 2.98
N LYS A 163 17.77 1.69 2.97
CA LYS A 163 17.11 2.21 4.17
C LYS A 163 15.83 1.44 4.48
N PHE A 164 15.34 0.69 3.51
CA PHE A 164 14.07 0.01 3.65
C PHE A 164 14.19 -1.29 4.43
N VAL A 165 13.11 -1.65 5.13
CA VAL A 165 12.98 -2.97 5.72
C VAL A 165 12.67 -3.99 4.63
N VAL A 166 13.41 -5.09 4.62
CA VAL A 166 13.19 -6.17 3.65
C VAL A 166 12.31 -7.26 4.26
N THR A 167 11.27 -7.63 3.53
CA THR A 167 10.21 -8.49 4.06
C THR A 167 10.46 -9.98 3.86
N LYS A 168 11.12 -10.35 2.76
CA LYS A 168 11.30 -11.78 2.44
C LYS A 168 12.04 -12.52 3.55
N ASP A 169 12.79 -11.79 4.37
CA ASP A 169 13.53 -12.36 5.49
C ASP A 169 12.63 -12.56 6.70
N LEU A 170 11.50 -11.85 6.73
CA LEU A 170 10.55 -11.96 7.83
C LEU A 170 9.75 -13.26 7.73
N ASP A 171 9.31 -13.75 8.87
CA ASP A 171 8.48 -14.95 8.90
C ASP A 171 7.04 -14.58 8.59
N CYS A 172 6.77 -14.23 7.33
CA CYS A 172 5.43 -13.79 6.92
C CYS A 172 4.45 -14.94 6.79
N LYS A 173 3.21 -14.67 7.15
CA LYS A 173 2.10 -15.52 6.81
C LYS A 173 1.13 -14.67 6.00
N TYR A 174 0.73 -15.18 4.84
CA TYR A 174 -0.20 -14.47 3.97
C TYR A 174 -1.54 -15.18 3.84
N ASP A 175 -2.60 -14.39 3.76
CA ASP A 175 -3.87 -14.93 3.29
C ASP A 175 -4.01 -14.52 1.83
N ASP A 176 -3.63 -15.41 0.93
CA ASP A 176 -3.65 -15.12 -0.49
C ASP A 176 -5.04 -15.30 -1.08
N LYS A 177 -5.83 -16.19 -0.49
CA LYS A 177 -7.17 -16.46 -1.00
C LYS A 177 -8.10 -15.26 -0.78
N PHE A 178 -7.94 -14.59 0.34
CA PHE A 178 -8.71 -13.38 0.62
C PHE A 178 -8.54 -12.36 -0.51
N LEU A 179 -7.31 -12.23 -0.99
CA LEU A 179 -7.02 -11.26 -2.05
C LEU A 179 -7.35 -11.78 -3.44
N SER A 180 -7.10 -13.07 -3.68
CA SER A 180 -7.41 -13.69 -4.96
C SER A 180 -8.90 -13.58 -5.26
N SER A 181 -9.71 -13.78 -4.24
CA SER A 181 -11.15 -13.82 -4.40
C SER A 181 -11.79 -12.44 -4.31
N TRP A 182 -10.99 -11.39 -4.18
CA TRP A 182 -11.51 -10.03 -4.04
C TRP A 182 -12.42 -9.66 -5.22
N GLN A 183 -13.67 -9.33 -4.90
CA GLN A 183 -14.69 -8.94 -5.88
C GLN A 183 -15.11 -10.08 -6.81
N LYS A 184 -14.83 -11.31 -6.41
CA LYS A 184 -15.27 -12.45 -7.21
C LYS A 184 -16.60 -13.01 -6.70
CHA HEM B . -2.37 -0.19 9.84
CHB HEM B . 2.17 -1.29 8.57
CHC HEM B . 1.04 -0.59 3.90
CHD HEM B . -3.43 0.82 5.16
C1A HEM B . -1.03 -0.48 9.90
C2A HEM B . -0.24 -0.55 11.11
C3A HEM B . 1.02 -0.86 10.76
C4A HEM B . 1.06 -0.99 9.33
CMA HEM B . 2.21 -1.05 11.72
CAA HEM B . -0.77 -0.34 12.53
CBA HEM B . -1.30 -1.69 13.00
CGA HEM B . -1.69 -1.61 14.44
O1A HEM B . -2.19 -0.53 14.87
O2A HEM B . -1.52 -2.62 15.16
C1B HEM B . 2.24 -1.26 7.19
C2B HEM B . 3.36 -1.70 6.41
C3B HEM B . 3.08 -1.52 5.12
C4B HEM B . 1.74 -0.95 5.03
CMB HEM B . 4.68 -2.29 6.97
CAB HEM B . 4.07 -1.88 3.99
CBB HEM B . 3.74 -1.75 2.71
C1C HEM B . -0.26 -0.11 3.84
C2C HEM B . -0.96 0.29 2.64
C3C HEM B . -2.18 0.69 2.98
C4C HEM B . -2.30 0.53 4.41
CMC HEM B . -0.33 0.27 1.22
CAC HEM B . -3.34 1.20 2.09
CBC HEM B . -3.40 1.02 0.76
C1D HEM B . -3.59 0.56 6.51
C2D HEM B . -4.85 0.54 7.20
C3D HEM B . -4.52 0.23 8.66
C4D HEM B . -3.08 0.10 8.71
CMD HEM B . -6.24 0.78 6.58
CAD HEM B . -5.51 0.08 9.84
CBD HEM B . -5.50 1.36 10.68
CGD HEM B . -6.46 1.22 11.83
O1D HEM B . -6.93 0.08 12.07
O2D HEM B . -6.76 2.25 12.49
NA HEM B . -0.20 -0.74 8.83
NB HEM B . 1.26 -0.80 6.33
NC HEM B . -1.11 0.05 4.90
ND HEM B . -2.56 0.30 7.43
FE HEM B . -0.65 -0.31 6.85
N HSM C . 3.74 5.91 8.74
CA HSM C . 2.54 5.32 8.32
CB HSM C . 2.25 3.92 8.83
CG HSM C . 1.25 3.15 8.08
ND1 HSM C . 0.58 3.52 6.99
CD2 HSM C . 0.79 1.86 8.41
CE1 HSM C . -0.25 2.53 6.63
NE2 HSM C . -0.11 1.51 7.52
#